data_3D8B
#
_entry.id   3D8B
#
_cell.length_a   85.430
_cell.length_b   85.430
_cell.length_c   197.580
_cell.angle_alpha   90.00
_cell.angle_beta   90.00
_cell.angle_gamma   90.00
#
_symmetry.space_group_name_H-M   'P 41 21 2'
#
loop_
_entity.id
_entity.type
_entity.pdbx_description
1 polymer 'Fidgetin-like protein 1'
2 non-polymer "ADENOSINE-5'-DIPHOSPHATE"
3 water water
#
_entity_poly.entity_id   1
_entity_poly.type   'polypeptide(L)'
_entity_poly.pdbx_seq_one_letter_code
;MHHHHHHSSGVDLGTENLYFQSMVPPIPKQDGGEQNGGMQCKPYGAGPTEPAHPVDERLKNLEPKMIELIMNEIMDHGPP
VNWEDIAGVEFAKATIKEIVVWPMLRPDIFTGLRGPPKGILLFGPPGTGKTLIGKCIASQSGATFFSISASSLTSKWVGE
GEKMVRALFAVARCQQPAVIFIDEIDSLLSQRGDGEHESSRRIKTEFLVQLDGATTSSEDRILVVGATNRPQEIDEAARR
RLVKRLYIPLPEASARKQIVINLMSKEQCCLSEEEIEQIVQQSDAFSGADMTQLCREASLGPIRSLQTADIATITPDQVR
PIAYIDFENAFRTVRPSVSPKDLELYENWNKTFGCGK
;
_entity_poly.pdbx_strand_id   A,B
#
loop_
_chem_comp.id
_chem_comp.type
_chem_comp.name
_chem_comp.formula
ADP non-polymer ADENOSINE-5'-DIPHOSPHATE 'C10 H15 N5 O10 P2'
#
# COMPACT_ATOMS: atom_id res chain seq x y z
N GLU A 57 -16.04 -19.97 9.69
CA GLU A 57 -16.07 -21.47 9.56
C GLU A 57 -14.88 -22.05 10.33
N ARG A 58 -13.69 -21.81 9.79
CA ARG A 58 -12.46 -21.89 10.56
C ARG A 58 -12.29 -20.62 11.43
N LEU A 59 -13.25 -19.70 11.34
CA LEU A 59 -13.22 -18.45 12.06
C LEU A 59 -14.32 -18.30 13.11
N LYS A 60 -15.16 -19.33 13.28
CA LYS A 60 -16.32 -19.21 14.18
C LYS A 60 -15.95 -18.99 15.65
N ASN A 61 -14.75 -19.39 16.08
CA ASN A 61 -14.33 -19.16 17.48
C ASN A 61 -13.40 -17.96 17.71
N LEU A 62 -13.25 -17.09 16.70
CA LEU A 62 -12.56 -15.82 16.89
C LEU A 62 -13.59 -14.71 17.04
N GLU A 63 -13.25 -13.65 17.77
CA GLU A 63 -14.19 -12.54 17.92
C GLU A 63 -14.35 -11.82 16.58
N PRO A 64 -15.61 -11.65 16.12
CA PRO A 64 -15.90 -10.91 14.89
C PRO A 64 -15.06 -9.65 14.69
N LYS A 65 -14.91 -8.85 15.74
CA LYS A 65 -14.12 -7.62 15.66
C LYS A 65 -12.62 -7.83 15.41
N MET A 66 -12.05 -8.91 15.93
CA MET A 66 -10.64 -9.16 15.71
C MET A 66 -10.47 -9.54 14.23
N ILE A 67 -11.40 -10.36 13.73
CA ILE A 67 -11.45 -10.73 12.32
C ILE A 67 -11.51 -9.49 11.42
N GLU A 68 -12.47 -8.60 11.70
CA GLU A 68 -12.67 -7.40 10.89
C GLU A 68 -11.49 -6.42 11.00
N LEU A 69 -10.87 -6.31 12.16
CA LEU A 69 -9.63 -5.56 12.25
C LEU A 69 -8.51 -6.10 11.33
N ILE A 70 -8.33 -7.42 11.35
CA ILE A 70 -7.33 -8.04 10.48
C ILE A 70 -7.72 -7.87 9.02
N MET A 71 -8.98 -8.16 8.68
CA MET A 71 -9.46 -7.99 7.32
C MET A 71 -9.37 -6.54 6.82
N ASN A 72 -9.55 -5.56 7.69
CA ASN A 72 -9.62 -4.16 7.23
C ASN A 72 -8.29 -3.45 7.22
N GLU A 73 -7.53 -3.62 8.29
CA GLU A 73 -6.32 -2.86 8.52
C GLU A 73 -5.03 -3.64 8.23
N ILE A 74 -5.06 -4.95 8.38
CA ILE A 74 -3.80 -5.71 8.26
C ILE A 74 -3.66 -6.29 6.85
N MET A 75 -4.75 -6.88 6.36
CA MET A 75 -4.82 -7.30 4.97
C MET A 75 -4.74 -6.09 4.04
N ASP A 76 -3.87 -6.19 3.06
CA ASP A 76 -3.64 -5.12 2.08
C ASP A 76 -4.66 -5.16 0.96
N HIS A 77 -5.19 -3.99 0.61
CA HIS A 77 -6.16 -3.85 -0.45
C HIS A 77 -5.71 -2.80 -1.46
N GLY A 78 -4.40 -2.56 -1.51
CA GLY A 78 -3.82 -1.41 -2.21
C GLY A 78 -3.38 -1.86 -3.56
N PRO A 79 -2.76 -0.96 -4.33
CA PRO A 79 -2.37 -1.36 -5.68
C PRO A 79 -1.34 -2.49 -5.70
N PRO A 80 -1.32 -3.27 -6.78
CA PRO A 80 -0.26 -4.27 -6.92
C PRO A 80 1.13 -3.67 -7.05
N VAL A 81 2.15 -4.46 -6.72
CA VAL A 81 3.53 -4.06 -6.90
C VAL A 81 4.12 -5.05 -7.87
N ASN A 82 4.87 -4.54 -8.84
CA ASN A 82 5.46 -5.29 -9.94
C ASN A 82 6.96 -5.36 -9.68
N TRP A 83 7.67 -6.33 -10.25
CA TRP A 83 9.12 -6.38 -10.06
C TRP A 83 9.79 -5.08 -10.51
N GLU A 84 9.29 -4.48 -11.61
CA GLU A 84 9.91 -3.28 -12.18
C GLU A 84 9.74 -2.05 -11.29
N ASP A 85 8.79 -2.08 -10.37
CA ASP A 85 8.63 -1.00 -9.40
C ASP A 85 9.75 -0.99 -8.35
N ILE A 86 10.56 -2.05 -8.29
CA ILE A 86 11.63 -2.16 -7.31
C ILE A 86 13.01 -1.96 -7.97
N ALA A 87 13.70 -0.88 -7.59
CA ALA A 87 15.02 -0.55 -8.17
C ALA A 87 16.12 -1.30 -7.44
N GLY A 88 17.08 -1.80 -8.20
CA GLY A 88 18.24 -2.48 -7.64
C GLY A 88 17.85 -3.85 -7.15
N VAL A 89 18.52 -4.29 -6.10
CA VAL A 89 18.34 -5.59 -5.49
C VAL A 89 18.12 -6.73 -6.49
N GLU A 90 19.01 -6.78 -7.49
CA GLU A 90 18.92 -7.78 -8.54
C GLU A 90 19.02 -9.22 -8.00
N PHE A 91 19.97 -9.47 -7.11
CA PHE A 91 20.14 -10.81 -6.55
C PHE A 91 18.88 -11.25 -5.82
N ALA A 92 18.40 -10.41 -4.90
CA ALA A 92 17.20 -10.74 -4.12
C ALA A 92 16.00 -10.98 -5.01
N LYS A 93 15.84 -10.16 -6.04
CA LYS A 93 14.69 -10.33 -6.93
C LYS A 93 14.74 -11.67 -7.67
N ALA A 94 15.91 -12.00 -8.23
CA ALA A 94 16.11 -13.21 -9.02
C ALA A 94 15.90 -14.44 -8.15
N THR A 95 16.50 -14.40 -6.96
CA THR A 95 16.40 -15.48 -6.01
C THR A 95 14.97 -15.74 -5.55
N ILE A 96 14.26 -14.66 -5.21
CA ILE A 96 12.92 -14.75 -4.74
C ILE A 96 11.99 -15.27 -5.82
N LYS A 97 12.14 -14.81 -7.06
CA LYS A 97 11.35 -15.36 -8.15
C LYS A 97 11.50 -16.88 -8.20
N GLU A 98 12.74 -17.36 -8.08
CA GLU A 98 13.06 -18.80 -8.23
C GLU A 98 12.65 -19.73 -7.10
N ILE A 99 12.98 -19.33 -5.88
CA ILE A 99 12.74 -20.17 -4.69
C ILE A 99 11.46 -19.88 -3.91
N VAL A 100 10.81 -18.74 -4.19
CA VAL A 100 9.54 -18.41 -3.56
C VAL A 100 8.41 -18.33 -4.56
N VAL A 101 8.50 -17.44 -5.54
CA VAL A 101 7.33 -17.13 -6.37
C VAL A 101 6.93 -18.28 -7.31
N TRP A 102 7.87 -18.79 -8.09
CA TRP A 102 7.55 -19.90 -8.99
C TRP A 102 6.98 -21.10 -8.22
N PRO A 103 7.61 -21.54 -7.11
CA PRO A 103 7.00 -22.60 -6.32
C PRO A 103 5.59 -22.29 -5.79
N MET A 104 5.36 -21.06 -5.32
CA MET A 104 4.00 -20.66 -4.92
C MET A 104 3.00 -20.71 -6.08
N LEU A 105 3.41 -20.34 -7.27
CA LEU A 105 2.54 -20.38 -8.45
C LEU A 105 2.24 -21.79 -8.99
N ARG A 106 3.21 -22.70 -8.85
CA ARG A 106 3.08 -24.03 -9.45
C ARG A 106 3.44 -25.11 -8.44
N PRO A 107 2.60 -25.25 -7.41
CA PRO A 107 2.85 -26.21 -6.35
C PRO A 107 2.51 -27.63 -6.79
N ASP A 108 1.86 -27.74 -7.95
CA ASP A 108 1.68 -29.02 -8.61
C ASP A 108 3.01 -29.57 -9.13
N ILE A 109 3.94 -28.66 -9.45
CA ILE A 109 5.26 -28.97 -10.01
C ILE A 109 6.31 -28.92 -8.91
N PHE A 110 6.30 -27.85 -8.11
CA PHE A 110 7.31 -27.68 -7.08
C PHE A 110 6.82 -28.28 -5.80
N THR A 111 6.89 -29.62 -5.74
CA THR A 111 6.27 -30.38 -4.67
C THR A 111 7.21 -30.64 -3.51
N GLY A 112 6.62 -30.93 -2.36
CA GLY A 112 7.36 -31.25 -1.15
C GLY A 112 8.41 -30.22 -0.79
N LEU A 113 9.65 -30.67 -0.78
CA LEU A 113 10.75 -29.85 -0.33
C LEU A 113 11.23 -28.83 -1.37
N ARG A 114 10.75 -28.95 -2.61
CA ARG A 114 10.94 -27.91 -3.63
C ARG A 114 9.89 -26.80 -3.51
N GLY A 115 8.97 -26.96 -2.57
CA GLY A 115 7.98 -25.92 -2.33
C GLY A 115 8.64 -24.66 -1.77
N PRO A 116 7.85 -23.61 -1.59
CA PRO A 116 8.42 -22.40 -1.05
C PRO A 116 8.80 -22.59 0.41
N PRO A 117 9.73 -21.78 0.91
CA PRO A 117 10.01 -21.88 2.35
C PRO A 117 8.78 -21.42 3.15
N LYS A 118 8.69 -21.84 4.40
CA LYS A 118 7.59 -21.40 5.24
C LYS A 118 7.82 -19.94 5.68
N GLY A 119 9.09 -19.55 5.77
CA GLY A 119 9.47 -18.20 6.18
C GLY A 119 10.80 -17.75 5.61
N ILE A 120 10.92 -16.45 5.35
CA ILE A 120 12.16 -15.82 4.95
C ILE A 120 12.35 -14.52 5.73
N LEU A 121 13.59 -14.07 5.85
CA LEU A 121 13.95 -12.82 6.55
C LEU A 121 14.56 -11.83 5.55
N LEU A 122 14.06 -10.61 5.53
CA LEU A 122 14.68 -9.52 4.79
C LEU A 122 15.31 -8.59 5.84
N PHE A 123 16.57 -8.21 5.62
CA PHE A 123 17.24 -7.34 6.56
C PHE A 123 18.05 -6.27 5.88
N GLY A 124 18.25 -5.16 6.59
CA GLY A 124 19.01 -4.04 6.08
C GLY A 124 18.55 -2.79 6.80
N PRO A 125 19.07 -1.64 6.41
CA PRO A 125 18.64 -0.40 7.04
C PRO A 125 17.22 -0.03 6.58
N PRO A 126 16.60 0.94 7.27
CA PRO A 126 15.26 1.35 6.91
C PRO A 126 15.13 1.95 5.51
N GLY A 127 13.97 1.74 4.90
CA GLY A 127 13.67 2.33 3.62
C GLY A 127 14.35 1.76 2.38
N THR A 128 14.72 0.49 2.38
CA THR A 128 15.45 -0.10 1.25
C THR A 128 14.56 -0.98 0.34
N GLY A 129 13.30 -1.14 0.71
CA GLY A 129 12.35 -1.86 -0.14
C GLY A 129 11.90 -3.23 0.37
N LYS A 130 12.08 -3.48 1.66
CA LYS A 130 11.70 -4.77 2.26
C LYS A 130 10.18 -5.00 2.18
N THR A 131 9.41 -4.01 2.58
CA THR A 131 7.96 -4.11 2.50
C THR A 131 7.50 -4.18 1.05
N LEU A 132 8.17 -3.42 0.20
CA LEU A 132 7.86 -3.39 -1.24
C LEU A 132 8.05 -4.78 -1.83
N ILE A 133 9.13 -5.43 -1.44
CA ILE A 133 9.42 -6.79 -1.83
C ILE A 133 8.37 -7.76 -1.30
N GLY A 134 8.02 -7.66 -0.03
CA GLY A 134 6.97 -8.50 0.53
C GLY A 134 5.69 -8.43 -0.29
N LYS A 135 5.25 -7.22 -0.60
CA LYS A 135 4.01 -7.01 -1.37
C LYS A 135 4.14 -7.52 -2.79
N CYS A 136 5.31 -7.36 -3.38
CA CYS A 136 5.61 -7.89 -4.71
C CYS A 136 5.55 -9.41 -4.76
N ILE A 137 6.08 -10.07 -3.73
CA ILE A 137 5.94 -11.52 -3.62
C ILE A 137 4.48 -11.91 -3.69
N ALA A 138 3.64 -11.22 -2.92
CA ALA A 138 2.22 -11.56 -2.88
C ALA A 138 1.56 -11.33 -4.23
N SER A 139 1.82 -10.18 -4.82
CA SER A 139 1.25 -9.79 -6.10
C SER A 139 1.60 -10.81 -7.16
N GLN A 140 2.87 -11.15 -7.24
CA GLN A 140 3.40 -11.97 -8.32
C GLN A 140 3.14 -13.46 -8.12
N SER A 141 2.76 -13.84 -6.91
CA SER A 141 2.44 -15.23 -6.59
C SER A 141 0.94 -15.48 -6.59
N GLY A 142 0.15 -14.44 -6.85
CA GLY A 142 -1.30 -14.53 -6.74
C GLY A 142 -1.83 -14.68 -5.32
N ALA A 143 -1.02 -14.26 -4.35
CA ALA A 143 -1.37 -14.39 -2.93
C ALA A 143 -1.99 -13.13 -2.33
N THR A 144 -2.74 -13.32 -1.24
CA THR A 144 -3.15 -12.17 -0.43
C THR A 144 -1.94 -11.72 0.38
N PHE A 145 -1.94 -10.47 0.81
CA PHE A 145 -0.83 -9.85 1.55
C PHE A 145 -1.36 -9.27 2.88
N PHE A 146 -0.73 -9.64 3.98
CA PHE A 146 -1.04 -9.13 5.32
C PHE A 146 0.24 -8.49 5.83
N SER A 147 0.17 -7.25 6.35
CA SER A 147 1.36 -6.58 6.86
CA SER A 147 1.34 -6.55 6.84
C SER A 147 1.10 -6.02 8.25
N ILE A 148 2.00 -6.30 9.18
CA ILE A 148 1.82 -5.87 10.55
C ILE A 148 3.18 -5.64 11.19
N SER A 149 3.24 -4.64 12.07
CA SER A 149 4.47 -4.46 12.84
C SER A 149 4.37 -5.35 14.05
N ALA A 150 5.51 -5.87 14.47
CA ALA A 150 5.58 -6.82 15.57
C ALA A 150 4.98 -6.30 16.88
N SER A 151 5.13 -5.00 17.13
CA SER A 151 4.60 -4.33 18.33
C SER A 151 3.08 -4.33 18.35
N SER A 152 2.47 -4.35 17.17
CA SER A 152 1.02 -4.42 17.07
C SER A 152 0.46 -5.79 17.45
N LEU A 153 1.31 -6.81 17.52
CA LEU A 153 0.86 -8.11 18.03
C LEU A 153 0.79 -8.17 19.55
N THR A 154 1.37 -7.20 20.25
CA THR A 154 1.48 -7.25 21.71
C THR A 154 0.33 -6.51 22.36
N SER A 155 0.10 -6.81 23.63
CA SER A 155 -1.01 -6.22 24.37
C SER A 155 -0.62 -6.11 25.84
N LYS A 156 -1.17 -5.13 26.54
CA LYS A 156 -1.03 -5.07 27.99
C LYS A 156 -1.80 -6.18 28.66
N TRP A 157 -2.82 -6.72 28.00
CA TRP A 157 -3.70 -7.69 28.61
C TRP A 157 -3.14 -9.10 28.47
N VAL A 158 -3.14 -9.84 29.58
CA VAL A 158 -2.70 -11.23 29.60
C VAL A 158 -3.47 -12.03 28.55
N GLY A 159 -2.76 -12.76 27.71
CA GLY A 159 -3.40 -13.71 26.77
C GLY A 159 -3.90 -13.10 25.47
N GLU A 160 -3.87 -11.77 25.37
CA GLU A 160 -4.40 -11.10 24.18
C GLU A 160 -3.43 -11.05 22.99
N GLY A 161 -2.13 -10.95 23.25
CA GLY A 161 -1.13 -10.97 22.18
C GLY A 161 -1.13 -12.32 21.47
N GLU A 162 -1.10 -13.39 22.25
CA GLU A 162 -1.21 -14.75 21.73
C GLU A 162 -2.46 -14.93 20.88
N LYS A 163 -3.56 -14.35 21.34
CA LYS A 163 -4.84 -14.42 20.63
C LYS A 163 -4.77 -13.74 19.24
N MET A 164 -4.16 -12.56 19.19
CA MET A 164 -3.98 -11.84 17.92
C MET A 164 -3.11 -12.62 16.92
N VAL A 165 -2.04 -13.25 17.39
CA VAL A 165 -1.17 -14.08 16.53
C VAL A 165 -1.96 -15.24 15.93
N ARG A 166 -2.71 -15.91 16.80
CA ARG A 166 -3.56 -17.02 16.36
C ARG A 166 -4.63 -16.57 15.39
N ALA A 167 -5.28 -15.43 15.63
CA ALA A 167 -6.25 -14.86 14.71
C ALA A 167 -5.62 -14.47 13.35
N LEU A 168 -4.46 -13.83 13.39
CA LEU A 168 -3.77 -13.45 12.17
C LEU A 168 -3.57 -14.64 11.23
N PHE A 169 -3.01 -15.71 11.78
CA PHE A 169 -2.76 -16.92 11.02
C PHE A 169 -4.04 -17.62 10.57
N ALA A 170 -5.10 -17.55 11.36
CA ALA A 170 -6.37 -18.21 11.01
C ALA A 170 -7.05 -17.50 9.85
N VAL A 171 -7.04 -16.18 9.86
CA VAL A 171 -7.58 -15.40 8.75
C VAL A 171 -6.73 -15.61 7.49
N ALA A 172 -5.40 -15.64 7.64
CA ALA A 172 -4.52 -15.88 6.50
C ALA A 172 -4.80 -17.26 5.88
N ARG A 173 -5.04 -18.26 6.73
CA ARG A 173 -5.40 -19.58 6.24
C ARG A 173 -6.67 -19.54 5.39
N CYS A 174 -7.66 -18.76 5.81
CA CYS A 174 -8.88 -18.60 5.02
C CYS A 174 -8.67 -17.91 3.69
N GLN A 175 -7.63 -17.09 3.62
CA GLN A 175 -7.33 -16.28 2.45
C GLN A 175 -6.11 -16.79 1.68
N GLN A 176 -5.85 -18.08 1.73
CA GLN A 176 -4.61 -18.58 1.15
C GLN A 176 -4.68 -18.81 -0.39
N PRO A 177 -3.54 -18.76 -1.09
CA PRO A 177 -2.18 -18.49 -0.61
C PRO A 177 -2.06 -17.07 -0.08
N ALA A 178 -1.28 -16.93 0.99
CA ALA A 178 -1.18 -15.69 1.73
C ALA A 178 0.26 -15.44 2.10
N VAL A 179 0.65 -14.17 2.07
CA VAL A 179 1.92 -13.73 2.57
C VAL A 179 1.65 -12.88 3.81
N ILE A 180 2.27 -13.26 4.91
CA ILE A 180 2.17 -12.53 6.17
C ILE A 180 3.50 -11.80 6.42
N PHE A 181 3.49 -10.49 6.33
CA PHE A 181 4.71 -9.70 6.47
C PHE A 181 4.76 -9.07 7.85
N ILE A 182 5.86 -9.31 8.55
CA ILE A 182 6.02 -8.86 9.94
C ILE A 182 7.23 -7.97 10.03
N ASP A 183 6.98 -6.69 10.26
CA ASP A 183 8.05 -5.69 10.36
C ASP A 183 8.63 -5.68 11.78
N GLU A 184 9.90 -5.31 11.92
CA GLU A 184 10.55 -5.30 13.24
C GLU A 184 10.45 -6.66 13.94
N ILE A 185 10.63 -7.74 13.18
CA ILE A 185 10.38 -9.09 13.66
C ILE A 185 11.38 -9.51 14.77
N ASP A 186 12.53 -8.85 14.82
CA ASP A 186 13.47 -8.99 15.94
C ASP A 186 12.82 -8.77 17.31
N SER A 187 11.87 -7.84 17.38
CA SER A 187 11.14 -7.59 18.62
C SER A 187 10.27 -8.77 19.02
N LEU A 188 9.65 -9.39 18.04
CA LEU A 188 8.81 -10.56 18.23
C LEU A 188 9.68 -11.77 18.61
N LEU A 189 10.81 -11.93 17.93
CA LEU A 189 11.70 -13.08 18.12
C LEU A 189 12.93 -12.73 18.93
N SER A 190 12.74 -11.92 19.97
CA SER A 190 13.81 -11.35 20.79
C SER A 190 14.65 -12.37 21.55
N GLN A 191 15.90 -11.99 21.79
CA GLN A 191 16.81 -12.68 22.71
C GLN A 191 17.12 -14.13 22.31
N GLU A 198 7.28 -11.93 30.67
CA GLU A 198 6.71 -13.24 30.34
C GLU A 198 5.85 -13.20 29.07
N SER A 199 5.16 -12.09 28.83
CA SER A 199 4.33 -11.98 27.62
C SER A 199 5.20 -12.02 26.37
N SER A 200 6.40 -11.45 26.41
CA SER A 200 7.30 -11.50 25.26
C SER A 200 7.66 -12.94 24.94
N ARG A 201 8.03 -13.70 25.99
CA ARG A 201 8.31 -15.11 25.84
C ARG A 201 7.14 -15.84 25.20
N ARG A 202 5.95 -15.54 25.70
CA ARG A 202 4.73 -16.25 25.32
C ARG A 202 4.27 -15.96 23.90
N ILE A 203 4.35 -14.71 23.45
CA ILE A 203 3.91 -14.42 22.09
C ILE A 203 4.92 -14.98 21.08
N LYS A 204 6.20 -15.01 21.44
CA LYS A 204 7.24 -15.62 20.61
C LYS A 204 6.97 -17.09 20.42
N THR A 205 6.71 -17.77 21.53
CA THR A 205 6.39 -19.18 21.52
C THR A 205 5.19 -19.45 20.65
N GLU A 206 4.12 -18.66 20.80
CA GLU A 206 2.94 -18.84 19.98
C GLU A 206 3.21 -18.59 18.50
N PHE A 207 4.01 -17.58 18.18
CA PHE A 207 4.32 -17.29 16.76
C PHE A 207 5.02 -18.48 16.11
N LEU A 208 5.98 -19.05 16.84
CA LEU A 208 6.71 -20.22 16.38
C LEU A 208 5.84 -21.47 16.25
N VAL A 209 4.86 -21.64 17.12
CA VAL A 209 3.86 -22.69 16.93
C VAL A 209 3.15 -22.49 15.58
N GLN A 210 2.73 -21.27 15.29
CA GLN A 210 2.00 -21.00 14.05
C GLN A 210 2.89 -21.17 12.82
N LEU A 211 4.12 -20.70 12.93
CA LEU A 211 5.09 -20.84 11.86
C LEU A 211 5.51 -22.31 11.66
N ASP A 212 5.67 -23.07 12.74
CA ASP A 212 6.00 -24.50 12.65
C ASP A 212 4.84 -25.34 12.09
N GLY A 213 3.63 -25.10 12.60
CA GLY A 213 2.45 -25.87 12.17
C GLY A 213 2.09 -25.66 10.71
N SER A 218 0.15 -29.99 6.23
CA SER A 218 0.53 -28.98 5.24
C SER A 218 -0.44 -28.95 4.04
N GLU A 219 -1.68 -28.62 4.33
CA GLU A 219 -2.59 -28.04 3.34
C GLU A 219 -2.35 -26.51 3.30
N ASP A 220 -1.50 -26.00 4.21
CA ASP A 220 -1.29 -24.55 4.38
C ASP A 220 -0.41 -23.96 3.28
N ARG A 221 -0.81 -22.82 2.75
CA ARG A 221 -0.01 -22.11 1.76
C ARG A 221 0.14 -20.68 2.28
N ILE A 222 0.94 -20.57 3.33
CA ILE A 222 1.23 -19.32 3.99
C ILE A 222 2.76 -19.13 3.95
N LEU A 223 3.20 -17.93 3.62
CA LEU A 223 4.60 -17.56 3.65
C LEU A 223 4.74 -16.41 4.63
N VAL A 224 5.61 -16.58 5.62
CA VAL A 224 5.91 -15.51 6.55
C VAL A 224 7.15 -14.79 6.00
N VAL A 225 7.06 -13.47 5.85
CA VAL A 225 8.20 -12.65 5.48
C VAL A 225 8.51 -11.74 6.65
N GLY A 226 9.60 -12.01 7.36
CA GLY A 226 10.01 -11.11 8.44
C GLY A 226 10.96 -10.05 7.91
N ALA A 227 10.93 -8.86 8.50
CA ALA A 227 11.81 -7.78 8.10
C ALA A 227 12.43 -7.19 9.36
N THR A 228 13.70 -6.81 9.28
CA THR A 228 14.41 -6.27 10.46
C THR A 228 15.59 -5.35 10.07
N ASN A 229 15.84 -4.34 10.90
CA ASN A 229 17.07 -3.55 10.80
C ASN A 229 18.11 -4.09 11.80
N ARG A 230 17.75 -5.13 12.54
CA ARG A 230 18.58 -5.67 13.62
C ARG A 230 18.63 -7.22 13.61
N PRO A 231 19.14 -7.80 12.52
CA PRO A 231 19.11 -9.26 12.36
C PRO A 231 19.94 -9.98 13.42
N GLN A 232 20.95 -9.30 13.94
CA GLN A 232 21.80 -9.84 14.99
C GLN A 232 21.02 -10.15 16.27
N GLU A 233 19.87 -9.51 16.45
CA GLU A 233 19.07 -9.68 17.67
C GLU A 233 18.00 -10.78 17.61
N ILE A 234 17.83 -11.42 16.46
CA ILE A 234 16.90 -12.55 16.39
C ILE A 234 17.53 -13.76 17.10
N ASP A 235 16.80 -14.36 18.03
CA ASP A 235 17.35 -15.50 18.79
C ASP A 235 17.68 -16.66 17.84
N GLU A 236 18.77 -17.37 18.15
CA GLU A 236 19.29 -18.49 17.34
C GLU A 236 18.24 -19.54 17.01
N ALA A 237 17.39 -19.89 17.97
CA ALA A 237 16.36 -20.92 17.76
C ALA A 237 15.36 -20.46 16.72
N ALA A 238 14.80 -19.29 16.94
CA ALA A 238 13.91 -18.66 15.95
C ALA A 238 14.58 -18.49 14.59
N ARG A 239 15.87 -18.23 14.59
CA ARG A 239 16.60 -18.06 13.33
C ARG A 239 16.52 -19.31 12.44
N ARG A 240 16.52 -20.49 13.04
CA ARG A 240 16.38 -21.74 12.28
C ARG A 240 15.06 -21.88 11.53
N ARG A 241 14.03 -21.11 11.91
CA ARG A 241 12.77 -21.12 11.19
C ARG A 241 12.84 -20.27 9.93
N LEU A 242 13.73 -19.28 9.91
CA LEU A 242 13.83 -18.38 8.76
C LEU A 242 15.20 -18.59 8.15
N VAL A 243 15.41 -19.72 7.46
CA VAL A 243 16.79 -20.03 7.03
C VAL A 243 17.24 -19.15 5.86
N LYS A 244 16.30 -18.79 4.97
CA LYS A 244 16.60 -17.85 3.89
C LYS A 244 16.54 -16.38 4.36
N ARG A 245 17.71 -15.74 4.37
CA ARG A 245 17.85 -14.35 4.81
C ARG A 245 18.57 -13.55 3.73
N LEU A 246 17.88 -12.53 3.23
CA LEU A 246 18.36 -11.71 2.14
C LEU A 246 18.60 -10.26 2.60
N TYR A 247 19.80 -9.77 2.28
CA TYR A 247 20.24 -8.39 2.57
C TYR A 247 19.70 -7.44 1.52
N ILE A 248 18.86 -6.51 1.95
CA ILE A 248 18.25 -5.52 1.05
C ILE A 248 18.94 -4.18 1.38
N PRO A 249 20.00 -3.81 0.64
CA PRO A 249 20.77 -2.65 1.08
C PRO A 249 20.30 -1.33 0.52
N LEU A 250 21.00 -0.26 0.88
CA LEU A 250 20.82 1.07 0.31
C LEU A 250 20.99 0.97 -1.20
N PRO A 251 20.21 1.75 -1.96
CA PRO A 251 20.38 1.72 -3.41
C PRO A 251 21.75 2.20 -3.89
N GLU A 252 22.38 1.42 -4.77
CA GLU A 252 23.60 1.85 -5.44
C GLU A 252 23.23 2.93 -6.46
N ALA A 253 24.23 3.60 -7.05
CA ALA A 253 23.97 4.71 -7.96
C ALA A 253 22.98 4.40 -9.10
N SER A 254 23.11 3.26 -9.75
CA SER A 254 22.19 2.96 -10.86
C SER A 254 20.75 2.83 -10.36
N ALA A 255 20.58 2.36 -9.13
CA ALA A 255 19.25 2.18 -8.55
C ALA A 255 18.65 3.52 -8.16
N ARG A 256 19.46 4.40 -7.59
CA ARG A 256 19.00 5.76 -7.28
C ARG A 256 18.51 6.47 -8.56
N LYS A 257 19.27 6.31 -9.65
CA LYS A 257 18.97 6.92 -10.94
C LYS A 257 17.64 6.39 -11.46
N GLN A 258 17.47 5.08 -11.35
CA GLN A 258 16.24 4.43 -11.78
C GLN A 258 15.01 4.95 -11.01
N ILE A 259 15.18 5.21 -9.72
CA ILE A 259 14.10 5.73 -8.91
C ILE A 259 13.72 7.13 -9.38
N VAL A 260 14.72 8.00 -9.58
CA VAL A 260 14.48 9.32 -10.08
C VAL A 260 13.77 9.27 -11.44
N ILE A 261 14.27 8.44 -12.34
CA ILE A 261 13.69 8.36 -13.69
C ILE A 261 12.24 7.89 -13.65
N ASN A 262 12.01 6.77 -12.98
CA ASN A 262 10.66 6.24 -12.81
C ASN A 262 9.72 7.30 -12.21
N LEU A 263 10.16 7.99 -11.16
CA LEU A 263 9.26 8.90 -10.48
C LEU A 263 9.04 10.18 -11.29
N MET A 264 10.07 10.66 -11.98
CA MET A 264 9.93 11.83 -12.84
C MET A 264 9.16 11.54 -14.15
N SER A 265 9.11 10.29 -14.59
CA SER A 265 8.36 9.93 -15.80
C SER A 265 6.86 10.16 -15.64
N LYS A 266 6.40 10.20 -14.39
CA LYS A 266 5.01 10.51 -14.05
C LYS A 266 4.72 11.99 -13.89
N GLU A 267 5.75 12.84 -14.03
CA GLU A 267 5.61 14.29 -13.87
C GLU A 267 6.00 15.07 -15.12
N GLN A 268 5.76 16.38 -15.09
CA GLN A 268 6.35 17.34 -16.03
C GLN A 268 7.72 17.72 -15.49
N CYS A 269 8.77 17.32 -16.19
CA CYS A 269 10.13 17.41 -15.68
C CYS A 269 11.10 17.78 -16.80
N CYS A 270 11.96 18.75 -16.54
CA CYS A 270 12.97 19.21 -17.50
C CYS A 270 14.35 19.06 -16.88
N LEU A 271 14.80 17.84 -16.67
CA LEU A 271 16.17 17.61 -16.22
C LEU A 271 17.02 17.15 -17.39
N SER A 272 18.22 17.69 -17.49
CA SER A 272 19.20 17.19 -18.46
C SER A 272 19.80 15.90 -17.93
N GLU A 273 20.44 15.13 -18.82
CA GLU A 273 21.12 13.88 -18.42
C GLU A 273 22.19 14.18 -17.37
N GLU A 274 22.83 15.33 -17.50
CA GLU A 274 23.87 15.77 -16.58
C GLU A 274 23.29 16.13 -15.20
N GLU A 275 22.12 16.77 -15.18
CA GLU A 275 21.42 17.09 -13.94
C GLU A 275 21.00 15.83 -13.20
N ILE A 276 20.60 14.80 -13.93
CA ILE A 276 20.28 13.52 -13.31
C ILE A 276 21.52 12.92 -12.68
N GLU A 277 22.64 12.92 -13.41
CA GLU A 277 23.87 12.35 -12.86
C GLU A 277 24.27 13.12 -11.61
N GLN A 278 24.09 14.43 -11.62
CA GLN A 278 24.37 15.25 -10.44
C GLN A 278 23.46 14.88 -9.24
N ILE A 279 22.18 14.66 -9.50
CA ILE A 279 21.24 14.20 -8.46
C ILE A 279 21.69 12.86 -7.87
N VAL A 280 22.09 11.92 -8.72
CA VAL A 280 22.59 10.64 -8.26
C VAL A 280 23.85 10.80 -7.41
N GLN A 281 24.83 11.60 -7.86
CA GLN A 281 26.07 11.84 -7.06
C GLN A 281 25.75 12.42 -5.67
N GLN A 282 24.81 13.36 -5.63
CA GLN A 282 24.48 14.09 -4.40
C GLN A 282 23.65 13.27 -3.41
N SER A 283 23.12 12.12 -3.84
CA SER A 283 22.25 11.25 -3.01
C SER A 283 22.92 9.95 -2.54
N ASP A 284 24.25 9.91 -2.60
CA ASP A 284 25.00 8.83 -1.96
C ASP A 284 24.50 8.61 -0.54
N ALA A 285 24.24 7.33 -0.23
CA ALA A 285 23.82 6.89 1.09
C ALA A 285 22.34 7.12 1.38
N PHE A 286 21.58 7.65 0.43
CA PHE A 286 20.12 7.82 0.60
C PHE A 286 19.49 6.43 0.48
N SER A 287 18.45 6.16 1.26
CA SER A 287 17.62 4.96 1.05
C SER A 287 16.67 5.14 -0.13
N GLY A 288 15.98 4.07 -0.52
CA GLY A 288 14.95 4.17 -1.53
C GLY A 288 13.82 5.10 -1.10
N ALA A 289 13.49 5.07 0.19
CA ALA A 289 12.47 5.96 0.76
C ALA A 289 12.90 7.44 0.74
N ASP A 290 14.16 7.69 1.08
CA ASP A 290 14.80 9.01 0.95
C ASP A 290 14.73 9.50 -0.50
N MET A 291 15.09 8.64 -1.45
CA MET A 291 15.03 9.00 -2.87
C MET A 291 13.61 9.32 -3.30
N THR A 292 12.66 8.56 -2.77
CA THR A 292 11.26 8.82 -3.04
C THR A 292 10.77 10.15 -2.44
N GLN A 293 11.10 10.42 -1.17
CA GLN A 293 10.78 11.71 -0.53
C GLN A 293 11.43 12.88 -1.32
N LEU A 294 12.63 12.65 -1.79
CA LEU A 294 13.36 13.66 -2.59
C LEU A 294 12.57 14.04 -3.84
N CYS A 295 12.09 13.04 -4.58
CA CYS A 295 11.32 13.29 -5.81
C CYS A 295 9.99 13.94 -5.52
N ARG A 296 9.37 13.52 -4.42
CA ARG A 296 8.09 14.06 -4.00
C ARG A 296 8.25 15.56 -3.66
N GLU A 297 9.25 15.87 -2.85
CA GLU A 297 9.54 17.27 -2.54
C GLU A 297 9.91 18.09 -3.79
N ALA A 298 10.68 17.49 -4.69
CA ALA A 298 11.03 18.19 -5.93
C ALA A 298 9.77 18.44 -6.77
N SER A 299 8.83 17.49 -6.79
CA SER A 299 7.62 17.63 -7.59
CA SER A 299 7.61 17.62 -7.59
C SER A 299 6.72 18.76 -7.11
N LEU A 300 6.82 19.10 -5.82
CA LEU A 300 6.05 20.21 -5.24
C LEU A 300 6.79 21.56 -5.30
N GLY A 301 8.03 21.54 -5.77
CA GLY A 301 8.82 22.78 -5.91
C GLY A 301 8.20 23.88 -6.77
N PRO A 302 7.75 23.55 -8.00
CA PRO A 302 7.13 24.55 -8.86
C PRO A 302 5.97 25.31 -8.21
N ILE A 303 5.01 24.61 -7.59
CA ILE A 303 3.90 25.33 -6.93
C ILE A 303 4.36 26.07 -5.68
N ARG A 304 5.36 25.53 -4.99
CA ARG A 304 5.89 26.23 -3.81
C ARG A 304 6.80 27.44 -4.14
N SER A 305 7.13 27.61 -5.41
CA SER A 305 7.96 28.74 -5.86
C SER A 305 7.11 29.89 -6.45
N LEU A 306 5.83 29.64 -6.71
CA LEU A 306 4.91 30.70 -7.17
C LEU A 306 4.69 31.81 -6.13
N GLN A 307 4.55 33.05 -6.57
CA GLN A 307 4.21 34.13 -5.65
C GLN A 307 2.78 34.59 -5.93
N THR A 308 2.12 35.07 -4.88
CA THR A 308 0.74 35.58 -4.93
C THR A 308 0.17 35.84 -6.34
N VAL A 319 1.75 25.82 -14.73
CA VAL A 319 2.89 25.75 -13.79
C VAL A 319 4.09 25.12 -14.51
N ARG A 320 5.26 25.70 -14.32
CA ARG A 320 6.50 25.20 -14.94
C ARG A 320 6.84 23.76 -14.57
N PRO A 321 7.64 23.09 -15.42
CA PRO A 321 8.04 21.73 -15.07
C PRO A 321 9.05 21.73 -13.95
N ILE A 322 9.22 20.55 -13.35
CA ILE A 322 10.23 20.33 -12.32
C ILE A 322 11.64 20.47 -12.93
N ALA A 323 12.50 21.19 -12.23
CA ALA A 323 13.84 21.47 -12.75
C ALA A 323 14.88 21.12 -11.70
N TYR A 324 16.14 21.26 -12.06
CA TYR A 324 17.25 20.91 -11.17
C TYR A 324 17.23 21.71 -9.85
N ILE A 325 16.86 22.99 -9.90
CA ILE A 325 16.72 23.78 -8.67
C ILE A 325 15.73 23.17 -7.65
N ASP A 326 14.66 22.52 -8.13
CA ASP A 326 13.67 21.91 -7.23
C ASP A 326 14.27 20.72 -6.49
N PHE A 327 15.17 20.00 -7.15
CA PHE A 327 15.94 18.95 -6.49
C PHE A 327 16.96 19.54 -5.53
N GLU A 328 17.63 20.65 -5.89
CA GLU A 328 18.59 21.26 -4.97
C GLU A 328 17.91 21.73 -3.71
N ASN A 329 16.72 22.33 -3.84
CA ASN A 329 15.90 22.69 -2.67
C ASN A 329 15.41 21.47 -1.91
N ALA A 330 15.01 20.44 -2.64
CA ALA A 330 14.53 19.20 -2.02
C ALA A 330 15.63 18.50 -1.18
N PHE A 331 16.85 18.52 -1.67
CA PHE A 331 17.99 17.99 -0.93
C PHE A 331 18.10 18.61 0.48
N ARG A 332 17.81 19.90 0.62
CA ARG A 332 17.89 20.58 1.91
C ARG A 332 16.80 20.13 2.90
N THR A 333 15.71 19.56 2.37
CA THR A 333 14.65 19.00 3.17
C THR A 333 14.95 17.58 3.60
N VAL A 334 15.49 16.77 2.70
CA VAL A 334 15.63 15.34 2.93
C VAL A 334 16.93 15.02 3.64
N ARG A 335 18.01 15.65 3.18
CA ARG A 335 19.33 15.39 3.74
C ARG A 335 19.45 15.46 5.29
N PRO A 336 18.79 16.43 5.95
CA PRO A 336 18.85 16.42 7.43
C PRO A 336 18.34 15.13 8.10
N SER A 337 17.52 14.37 7.38
CA SER A 337 16.99 13.11 7.89
C SER A 337 17.87 11.91 7.50
N VAL A 338 18.86 12.12 6.63
CA VAL A 338 19.75 11.06 6.22
C VAL A 338 21.01 11.08 7.10
N SER A 339 21.29 9.98 7.76
CA SER A 339 22.46 9.83 8.62
C SER A 339 23.19 8.51 8.29
N PRO A 340 24.49 8.42 8.60
CA PRO A 340 25.29 7.23 8.33
C PRO A 340 24.79 5.99 9.08
N LYS A 341 24.74 4.85 8.42
CA LYS A 341 24.27 3.60 9.02
C LYS A 341 25.46 2.66 9.21
N ASP A 342 25.25 1.61 10.01
CA ASP A 342 26.29 0.61 10.25
C ASP A 342 26.19 -0.47 9.18
N LEU A 343 26.75 -0.17 8.01
CA LEU A 343 26.66 -1.06 6.88
C LEU A 343 27.57 -2.29 7.06
N GLU A 344 28.68 -2.11 7.80
CA GLU A 344 29.57 -3.23 8.13
C GLU A 344 28.85 -4.34 8.90
N LEU A 345 27.99 -3.96 9.82
CA LEU A 345 27.21 -4.93 10.57
C LEU A 345 26.34 -5.77 9.62
N TYR A 346 25.62 -5.12 8.70
CA TYR A 346 24.77 -5.85 7.74
C TYR A 346 25.58 -6.74 6.78
N GLU A 347 26.66 -6.18 6.25
CA GLU A 347 27.55 -6.92 5.34
C GLU A 347 28.15 -8.14 6.02
N ASN A 348 28.57 -7.97 7.28
CA ASN A 348 29.17 -9.09 8.00
C ASN A 348 28.15 -10.15 8.36
N TRP A 349 26.95 -9.72 8.75
CA TRP A 349 25.89 -10.66 9.04
C TRP A 349 25.44 -11.41 7.78
N ASN A 350 25.36 -10.71 6.65
CA ASN A 350 25.01 -11.33 5.36
C ASN A 350 26.03 -12.40 4.96
N LYS A 351 27.31 -12.10 5.13
CA LYS A 351 28.40 -13.06 4.91
C LYS A 351 28.33 -14.33 5.77
N THR A 352 28.06 -14.17 7.07
CA THR A 352 28.04 -15.29 8.03
C THR A 352 26.74 -16.05 8.08
N PHE A 353 25.60 -15.35 7.99
CA PHE A 353 24.31 -15.97 8.21
C PHE A 353 23.37 -15.91 7.02
N GLY A 354 23.63 -15.04 6.06
CA GLY A 354 22.66 -14.78 5.00
C GLY A 354 22.98 -15.50 3.71
N CYS A 355 22.28 -15.11 2.66
CA CYS A 355 22.50 -15.68 1.32
C CYS A 355 23.79 -15.13 0.66
N GLY A 356 24.40 -14.11 1.25
CA GLY A 356 25.74 -13.66 0.87
C GLY A 356 25.81 -12.66 -0.25
N LYS A 357 24.69 -12.34 -0.88
CA LYS A 357 24.72 -11.35 -1.97
C LYS A 357 23.58 -10.35 -1.81
N LEU B 62 -2.31 10.12 26.86
CA LEU B 62 -1.84 9.48 25.58
C LEU B 62 -1.04 8.17 25.80
N GLU B 63 -1.71 7.03 25.65
CA GLU B 63 -1.07 5.71 25.79
C GLU B 63 -0.09 5.42 24.66
N PRO B 64 1.18 5.18 24.99
CA PRO B 64 2.18 4.96 23.94
C PRO B 64 1.90 3.76 23.01
N LYS B 65 1.16 2.76 23.49
CA LYS B 65 0.78 1.61 22.69
C LYS B 65 -0.22 1.97 21.58
N MET B 66 -1.13 2.89 21.88
CA MET B 66 -2.08 3.39 20.89
C MET B 66 -1.39 4.29 19.88
N ILE B 67 -0.50 5.13 20.38
CA ILE B 67 0.31 5.97 19.52
C ILE B 67 1.13 5.11 18.57
N GLU B 68 1.72 4.03 19.08
CA GLU B 68 2.50 3.06 18.29
C GLU B 68 1.66 2.42 17.20
N LEU B 69 0.48 1.96 17.58
CA LEU B 69 -0.44 1.33 16.65
C LEU B 69 -0.82 2.26 15.50
N ILE B 70 -1.13 3.50 15.83
CA ILE B 70 -1.47 4.49 14.84
C ILE B 70 -0.26 4.78 13.95
N MET B 71 0.92 4.98 14.54
CA MET B 71 2.10 5.28 13.72
C MET B 71 2.49 4.10 12.81
N ASN B 72 2.28 2.88 13.29
CA ASN B 72 2.76 1.70 12.57
C ASN B 72 1.76 1.22 11.55
N GLU B 73 0.49 1.14 11.94
CA GLU B 73 -0.54 0.48 11.11
C GLU B 73 -1.52 1.45 10.43
N ILE B 74 -1.76 2.62 11.02
CA ILE B 74 -2.75 3.55 10.48
C ILE B 74 -2.11 4.60 9.55
N MET B 75 -1.01 5.20 9.99
CA MET B 75 -0.21 6.05 9.10
C MET B 75 0.37 5.25 7.93
N ASP B 76 0.25 5.79 6.72
CA ASP B 76 0.70 5.09 5.53
C ASP B 76 2.18 5.41 5.26
N HIS B 77 2.94 4.37 4.90
CA HIS B 77 4.37 4.49 4.63
C HIS B 77 4.75 3.91 3.25
N GLY B 78 3.77 3.82 2.36
CA GLY B 78 3.85 3.07 1.11
C GLY B 78 4.18 3.98 -0.05
N PRO B 79 4.18 3.47 -1.28
CA PRO B 79 4.52 4.30 -2.45
C PRO B 79 3.60 5.52 -2.57
N PRO B 80 4.10 6.65 -3.12
CA PRO B 80 3.19 7.76 -3.37
C PRO B 80 2.23 7.45 -4.52
N VAL B 81 1.08 8.13 -4.57
CA VAL B 81 0.11 7.98 -5.66
C VAL B 81 0.08 9.28 -6.46
N ASN B 82 0.14 9.18 -7.79
CA ASN B 82 0.00 10.34 -8.68
C ASN B 82 -1.38 10.39 -9.29
N TRP B 83 -1.76 11.57 -9.79
CA TRP B 83 -3.03 11.74 -10.50
C TRP B 83 -3.15 10.77 -11.65
N GLU B 84 -2.03 10.51 -12.34
CA GLU B 84 -2.05 9.68 -13.53
C GLU B 84 -2.27 8.18 -13.18
N ASP B 85 -2.08 7.81 -11.91
CA ASP B 85 -2.40 6.46 -11.43
C ASP B 85 -3.93 6.20 -11.38
N ILE B 86 -4.72 7.27 -11.38
CA ILE B 86 -6.16 7.16 -11.25
C ILE B 86 -6.78 7.33 -12.63
N ALA B 87 -7.42 6.26 -13.08
CA ALA B 87 -8.09 6.23 -14.38
C ALA B 87 -9.47 6.86 -14.28
N GLY B 88 -9.88 7.60 -15.30
CA GLY B 88 -11.19 8.24 -15.29
C GLY B 88 -11.36 9.33 -14.24
N VAL B 89 -12.58 9.45 -13.75
CA VAL B 89 -13.01 10.48 -12.79
C VAL B 89 -12.33 11.82 -13.03
N GLU B 90 -12.46 12.30 -14.26
CA GLU B 90 -11.83 13.52 -14.69
C GLU B 90 -12.38 14.71 -13.91
N PHE B 91 -13.70 14.77 -13.77
CA PHE B 91 -14.34 15.85 -13.02
C PHE B 91 -13.92 15.87 -11.54
N ALA B 92 -13.92 14.70 -10.91
CA ALA B 92 -13.54 14.60 -9.49
C ALA B 92 -12.10 15.06 -9.31
N LYS B 93 -11.22 14.61 -10.20
CA LYS B 93 -9.82 14.98 -10.13
C LYS B 93 -9.62 16.48 -10.31
N ALA B 94 -10.34 17.09 -11.26
CA ALA B 94 -10.25 18.53 -11.51
C ALA B 94 -10.73 19.31 -10.29
N THR B 95 -11.86 18.91 -9.74
CA THR B 95 -12.44 19.59 -8.60
C THR B 95 -11.57 19.50 -7.35
N ILE B 96 -11.02 18.30 -7.10
CA ILE B 96 -10.17 18.07 -5.94
C ILE B 96 -8.87 18.86 -6.03
N LYS B 97 -8.20 18.81 -7.17
CA LYS B 97 -7.02 19.64 -7.42
C LYS B 97 -7.29 21.09 -7.03
N GLU B 98 -8.42 21.60 -7.52
CA GLU B 98 -8.73 23.01 -7.47
C GLU B 98 -9.17 23.48 -6.10
N ILE B 99 -10.08 22.74 -5.47
CA ILE B 99 -10.64 23.17 -4.20
C ILE B 99 -10.01 22.50 -2.97
N VAL B 100 -9.23 21.43 -3.15
CA VAL B 100 -8.61 20.79 -2.01
C VAL B 100 -7.09 20.90 -2.02
N VAL B 101 -6.47 20.35 -3.07
CA VAL B 101 -5.00 20.21 -3.12
C VAL B 101 -4.26 21.55 -3.25
N TRP B 102 -4.69 22.40 -4.17
CA TRP B 102 -4.03 23.69 -4.31
C TRP B 102 -4.11 24.52 -3.03
N PRO B 103 -5.32 24.68 -2.47
CA PRO B 103 -5.41 25.36 -1.17
C PRO B 103 -4.64 24.70 -0.05
N MET B 104 -4.54 23.36 -0.04
CA MET B 104 -3.69 22.70 0.95
C MET B 104 -2.20 23.00 0.77
N LEU B 105 -1.75 23.10 -0.49
CA LEU B 105 -0.38 23.42 -0.79
C LEU B 105 -0.01 24.86 -0.51
N ARG B 106 -0.94 25.79 -0.76
CA ARG B 106 -0.64 27.23 -0.65
C ARG B 106 -1.74 27.98 0.10
N PRO B 107 -1.86 27.71 1.41
CA PRO B 107 -2.95 28.35 2.15
C PRO B 107 -2.72 29.84 2.26
N ASP B 108 -1.44 30.24 2.18
CA ASP B 108 -1.06 31.63 2.11
C ASP B 108 -1.66 32.39 0.91
N ILE B 109 -1.99 31.69 -0.17
CA ILE B 109 -2.70 32.36 -1.26
C ILE B 109 -4.19 32.01 -1.27
N PHE B 110 -4.54 30.75 -0.97
CA PHE B 110 -5.96 30.37 -0.93
C PHE B 110 -6.46 30.55 0.48
N THR B 111 -6.66 31.81 0.82
CA THR B 111 -7.06 32.20 2.13
C THR B 111 -8.60 32.27 2.13
N GLY B 112 -9.20 32.19 3.29
CA GLY B 112 -10.65 32.09 3.33
C GLY B 112 -11.14 30.81 3.98
N LEU B 113 -12.34 30.36 3.67
CA LEU B 113 -13.16 30.78 2.53
C LEU B 113 -12.67 30.21 1.22
N ARG B 114 -11.45 30.50 0.84
CA ARG B 114 -10.87 29.81 -0.31
C ARG B 114 -9.86 28.75 0.15
N GLY B 115 -9.75 28.58 1.45
CA GLY B 115 -9.00 27.51 2.07
C GLY B 115 -9.63 26.15 1.79
N PRO B 116 -8.88 25.07 2.06
CA PRO B 116 -9.43 23.74 1.82
C PRO B 116 -10.61 23.42 2.75
N PRO B 117 -11.56 22.58 2.29
CA PRO B 117 -12.54 22.12 3.27
C PRO B 117 -11.87 21.32 4.38
N LYS B 118 -12.50 21.22 5.54
CA LYS B 118 -11.96 20.37 6.62
C LYS B 118 -12.43 18.93 6.46
N GLY B 119 -13.46 18.72 5.65
CA GLY B 119 -14.04 17.38 5.47
C GLY B 119 -14.72 17.23 4.13
N ILE B 120 -14.45 16.10 3.46
CA ILE B 120 -15.13 15.76 2.23
C ILE B 120 -15.61 14.30 2.26
N LEU B 121 -16.53 13.96 1.35
CA LEU B 121 -17.03 12.62 1.24
C LEU B 121 -16.80 12.14 -0.18
N LEU B 122 -16.23 10.94 -0.31
CA LEU B 122 -16.18 10.23 -1.58
C LEU B 122 -17.16 9.09 -1.43
N PHE B 123 -18.00 8.90 -2.42
CA PHE B 123 -18.99 7.82 -2.37
C PHE B 123 -19.14 7.11 -3.71
N GLY B 124 -19.59 5.87 -3.64
CA GLY B 124 -19.76 5.04 -4.81
C GLY B 124 -19.63 3.58 -4.46
N PRO B 125 -19.75 2.72 -5.46
CA PRO B 125 -19.64 1.28 -5.21
C PRO B 125 -18.20 0.89 -4.88
N PRO B 126 -18.00 -0.30 -4.29
CA PRO B 126 -16.63 -0.66 -3.93
C PRO B 126 -15.66 -0.68 -5.13
N GLY B 127 -14.40 -0.36 -4.88
CA GLY B 127 -13.37 -0.54 -5.87
C GLY B 127 -13.28 0.44 -7.01
N THR B 128 -13.73 1.66 -6.80
CA THR B 128 -13.76 2.66 -7.86
C THR B 128 -12.61 3.65 -7.72
N GLY B 129 -11.86 3.59 -6.63
CA GLY B 129 -10.68 4.41 -6.48
C GLY B 129 -10.74 5.43 -5.35
N LYS B 130 -11.65 5.27 -4.40
CA LYS B 130 -11.78 6.27 -3.32
C LYS B 130 -10.55 6.39 -2.42
N THR B 131 -10.02 5.25 -1.99
CA THR B 131 -8.80 5.20 -1.20
C THR B 131 -7.60 5.71 -2.00
N LEU B 132 -7.51 5.29 -3.27
CA LEU B 132 -6.49 5.81 -4.20
C LEU B 132 -6.51 7.32 -4.27
N ILE B 133 -7.69 7.89 -4.45
CA ILE B 133 -7.89 9.35 -4.47
C ILE B 133 -7.50 9.98 -3.14
N GLY B 134 -7.90 9.37 -2.04
CA GLY B 134 -7.46 9.83 -0.73
C GLY B 134 -5.95 9.91 -0.57
N LYS B 135 -5.28 8.85 -1.00
CA LYS B 135 -3.81 8.80 -0.96
C LYS B 135 -3.18 9.82 -1.89
N CYS B 136 -3.80 10.00 -3.05
CA CYS B 136 -3.32 10.97 -4.02
C CYS B 136 -3.44 12.40 -3.49
N ILE B 137 -4.55 12.70 -2.79
CA ILE B 137 -4.71 13.99 -2.14
C ILE B 137 -3.53 14.26 -1.22
N ALA B 138 -3.22 13.28 -0.37
CA ALA B 138 -2.06 13.36 0.53
C ALA B 138 -0.75 13.56 -0.21
N SER B 139 -0.44 12.69 -1.16
CA SER B 139 0.81 12.80 -1.93
C SER B 139 0.95 14.17 -2.58
N GLN B 140 -0.11 14.60 -3.27
CA GLN B 140 -0.03 15.80 -4.09
C GLN B 140 -0.12 17.10 -3.30
N SER B 141 -0.46 16.99 -2.02
CA SER B 141 -0.56 18.16 -1.15
C SER B 141 0.60 18.24 -0.15
N GLY B 142 1.51 17.29 -0.24
CA GLY B 142 2.65 17.18 0.67
C GLY B 142 2.26 16.78 2.09
N ALA B 143 1.17 16.01 2.22
CA ALA B 143 0.62 15.66 3.54
C ALA B 143 0.90 14.22 3.92
N THR B 144 0.85 13.94 5.21
CA THR B 144 0.87 12.57 5.67
C THR B 144 -0.52 11.98 5.44
N PHE B 145 -0.57 10.66 5.33
CA PHE B 145 -1.83 9.92 5.08
C PHE B 145 -2.06 8.90 6.18
N PHE B 146 -3.25 8.97 6.77
CA PHE B 146 -3.70 8.04 7.80
C PHE B 146 -4.97 7.42 7.21
N SER B 147 -5.05 6.10 7.23
CA SER B 147 -6.19 5.38 6.68
C SER B 147 -6.69 4.38 7.72
N ILE B 148 -7.99 4.42 8.01
CA ILE B 148 -8.60 3.50 8.94
C ILE B 148 -10.05 3.22 8.52
N SER B 149 -10.52 2.00 8.78
CA SER B 149 -11.92 1.66 8.58
C SER B 149 -12.68 2.01 9.85
N ALA B 150 -13.86 2.56 9.69
CA ALA B 150 -14.65 3.05 10.81
C ALA B 150 -14.89 1.98 11.87
N SER B 151 -15.15 0.74 11.46
CA SER B 151 -15.36 -0.35 12.42
C SER B 151 -14.13 -0.62 13.32
N SER B 152 -12.93 -0.34 12.84
CA SER B 152 -11.73 -0.61 13.65
C SER B 152 -11.68 0.31 14.89
N LEU B 153 -12.38 1.43 14.85
CA LEU B 153 -12.49 2.34 16.00
C LEU B 153 -13.31 1.72 17.13
N THR B 154 -14.22 0.82 16.79
CA THR B 154 -14.99 0.11 17.80
C THR B 154 -14.14 -1.06 18.33
N GLU B 160 -12.33 3.07 24.92
CA GLU B 160 -11.17 2.87 24.04
C GLU B 160 -11.42 3.48 22.66
N GLY B 161 -12.62 3.30 22.12
CA GLY B 161 -13.00 3.92 20.83
C GLY B 161 -12.84 5.43 20.82
N GLU B 162 -13.37 6.07 21.85
CA GLU B 162 -13.20 7.50 22.09
C GLU B 162 -11.73 7.89 22.16
N LYS B 163 -10.93 7.10 22.88
CA LYS B 163 -9.48 7.34 23.01
C LYS B 163 -8.76 7.16 21.67
N MET B 164 -9.18 6.14 20.93
CA MET B 164 -8.63 5.87 19.61
C MET B 164 -8.83 7.06 18.66
N VAL B 165 -10.08 7.54 18.59
CA VAL B 165 -10.42 8.73 17.80
C VAL B 165 -9.58 9.95 18.23
N ARG B 166 -9.50 10.17 19.54
CA ARG B 166 -8.74 11.30 20.04
C ARG B 166 -7.26 11.16 19.68
N ALA B 167 -6.68 9.99 19.95
CA ALA B 167 -5.30 9.70 19.58
C ALA B 167 -5.05 9.88 18.08
N LEU B 168 -5.99 9.41 17.26
CA LEU B 168 -5.86 9.54 15.81
C LEU B 168 -5.68 10.99 15.37
N PHE B 169 -6.54 11.88 15.87
CA PHE B 169 -6.39 13.32 15.58
C PHE B 169 -5.17 13.97 16.24
N ALA B 170 -4.82 13.55 17.45
CA ALA B 170 -3.62 14.04 18.13
C ALA B 170 -2.39 13.73 17.29
N VAL B 171 -2.25 12.47 16.87
CA VAL B 171 -1.11 12.07 16.04
C VAL B 171 -1.08 12.82 14.71
N ALA B 172 -2.23 12.93 14.06
CA ALA B 172 -2.35 13.68 12.81
C ALA B 172 -1.92 15.12 13.01
N ARG B 173 -2.30 15.73 14.12
CA ARG B 173 -1.91 17.12 14.42
C ARG B 173 -0.39 17.29 14.52
N CYS B 174 0.28 16.28 15.09
CA CYS B 174 1.75 16.27 15.16
C CYS B 174 2.41 16.03 13.80
N GLN B 175 1.67 15.46 12.86
CA GLN B 175 2.22 15.12 11.56
C GLN B 175 1.64 16.01 10.43
N GLN B 176 1.25 17.25 10.75
CA GLN B 176 0.62 18.16 9.80
C GLN B 176 1.53 18.65 8.67
N PRO B 177 0.95 18.97 7.49
CA PRO B 177 -0.46 18.71 7.11
C PRO B 177 -0.74 17.23 6.96
N ALA B 178 -1.98 16.86 7.25
CA ALA B 178 -2.36 15.45 7.35
C ALA B 178 -3.71 15.22 6.68
N VAL B 179 -3.86 14.07 6.05
CA VAL B 179 -5.13 13.62 5.49
C VAL B 179 -5.52 12.37 6.30
N ILE B 180 -6.70 12.42 6.92
CA ILE B 180 -7.27 11.27 7.63
C ILE B 180 -8.39 10.66 6.80
N PHE B 181 -8.13 9.48 6.26
CA PHE B 181 -9.09 8.75 5.44
C PHE B 181 -9.83 7.71 6.30
N ILE B 182 -11.14 7.88 6.38
CA ILE B 182 -12.00 6.96 7.16
C ILE B 182 -12.92 6.23 6.18
N ASP B 183 -12.68 4.93 6.02
CA ASP B 183 -13.49 4.11 5.14
C ASP B 183 -14.75 3.67 5.87
N GLU B 184 -15.80 3.36 5.12
CA GLU B 184 -17.12 3.02 5.67
C GLU B 184 -17.53 4.00 6.77
N ILE B 185 -17.36 5.30 6.50
CA ILE B 185 -17.62 6.33 7.52
C ILE B 185 -19.09 6.39 7.91
N ASP B 186 -19.96 5.85 7.07
CA ASP B 186 -21.38 5.73 7.45
C ASP B 186 -21.61 4.96 8.74
N SER B 187 -20.80 3.93 9.02
CA SER B 187 -20.96 3.16 10.26
C SER B 187 -20.57 3.99 11.49
N LEU B 188 -19.71 4.99 11.30
CA LEU B 188 -19.37 5.95 12.36
C LEU B 188 -20.44 7.02 12.55
N LEU B 189 -21.00 7.54 11.47
CA LEU B 189 -21.98 8.63 11.57
C LEU B 189 -23.42 8.12 11.59
N SER B 190 -23.56 6.79 11.54
CA SER B 190 -24.83 6.06 11.52
C SER B 190 -25.72 6.42 10.33
N SER B 200 -20.60 3.79 20.56
CA SER B 200 -21.07 4.21 19.22
C SER B 200 -21.47 5.68 19.19
N ARG B 201 -22.54 6.03 19.90
CA ARG B 201 -22.90 7.44 20.09
C ARG B 201 -21.69 8.20 20.66
N ARG B 202 -21.02 7.63 21.64
CA ARG B 202 -19.84 8.25 22.24
C ARG B 202 -18.64 8.38 21.28
N ILE B 203 -18.50 7.44 20.37
CA ILE B 203 -17.41 7.50 19.39
C ILE B 203 -17.73 8.59 18.35
N LYS B 204 -18.98 8.61 17.90
CA LYS B 204 -19.43 9.60 16.95
C LYS B 204 -19.31 11.00 17.52
N THR B 205 -19.73 11.16 18.77
CA THR B 205 -19.61 12.44 19.45
C THR B 205 -18.16 12.94 19.48
N GLU B 206 -17.24 12.08 19.91
CA GLU B 206 -15.84 12.48 20.00
C GLU B 206 -15.26 12.79 18.61
N PHE B 207 -15.67 12.03 17.61
CA PHE B 207 -15.27 12.31 16.24
C PHE B 207 -15.75 13.70 15.76
N LEU B 208 -17.00 14.02 16.06
CA LEU B 208 -17.55 15.35 15.69
C LEU B 208 -16.84 16.45 16.48
N VAL B 209 -16.57 16.18 17.75
CA VAL B 209 -15.73 17.07 18.55
C VAL B 209 -14.43 17.32 17.78
N GLN B 210 -13.78 16.25 17.34
CA GLN B 210 -12.48 16.38 16.68
C GLN B 210 -12.55 17.10 15.32
N LEU B 211 -13.53 16.76 14.48
CA LEU B 211 -13.64 17.39 13.16
C LEU B 211 -14.05 18.87 13.26
N ASP B 212 -15.01 19.18 14.13
CA ASP B 212 -15.45 20.56 14.33
C ASP B 212 -14.32 21.45 14.85
N GLY B 213 -13.59 20.95 15.83
CA GLY B 213 -12.41 21.64 16.35
C GLY B 213 -11.43 21.96 15.22
N ALA B 214 -11.15 20.95 14.39
CA ALA B 214 -10.29 21.09 13.21
C ALA B 214 -10.88 22.10 12.24
N GLU B 219 -3.69 26.96 14.07
CA GLU B 219 -4.77 26.42 13.24
C GLU B 219 -4.33 25.15 12.50
N ASP B 220 -5.18 24.14 12.55
CA ASP B 220 -4.78 22.82 12.12
C ASP B 220 -4.92 22.65 10.62
N ARG B 221 -4.02 21.85 10.07
CA ARG B 221 -3.98 21.61 8.66
C ARG B 221 -4.28 20.13 8.53
N ILE B 222 -5.52 19.79 8.82
CA ILE B 222 -6.00 18.42 8.76
C ILE B 222 -7.22 18.35 7.82
N LEU B 223 -7.21 17.41 6.89
CA LEU B 223 -8.36 17.13 6.04
C LEU B 223 -8.89 15.76 6.37
N VAL B 224 -10.18 15.66 6.65
CA VAL B 224 -10.84 14.38 6.82
C VAL B 224 -11.50 13.99 5.52
N VAL B 225 -11.14 12.83 5.01
CA VAL B 225 -11.73 12.28 3.79
C VAL B 225 -12.51 11.02 4.19
N GLY B 226 -13.85 11.12 4.15
CA GLY B 226 -14.71 9.99 4.45
C GLY B 226 -15.01 9.26 3.16
N ALA B 227 -15.15 7.93 3.23
CA ALA B 227 -15.55 7.15 2.07
C ALA B 227 -16.71 6.23 2.49
N THR B 228 -17.66 6.03 1.58
CA THR B 228 -18.81 5.17 1.84
C THR B 228 -19.35 4.55 0.58
N ASN B 229 -19.87 3.34 0.73
CA ASN B 229 -20.74 2.72 -0.25
C ASN B 229 -22.21 2.93 0.05
N ARG B 230 -22.52 3.62 1.16
CA ARG B 230 -23.89 3.80 1.67
C ARG B 230 -24.18 5.29 1.96
N PRO B 231 -24.20 6.15 0.92
CA PRO B 231 -24.34 7.59 1.17
C PRO B 231 -25.69 7.95 1.81
N GLN B 232 -26.68 7.11 1.57
CA GLN B 232 -28.00 7.25 2.19
C GLN B 232 -27.95 7.24 3.74
N GLU B 233 -26.87 6.72 4.32
CA GLU B 233 -26.67 6.76 5.77
C GLU B 233 -25.87 7.99 6.25
N ILE B 234 -25.54 8.89 5.35
CA ILE B 234 -24.84 10.13 5.68
C ILE B 234 -25.93 11.19 5.77
N ASP B 235 -26.27 11.64 6.98
CA ASP B 235 -27.41 12.54 7.20
C ASP B 235 -27.05 14.03 7.10
N GLU B 236 -28.05 14.87 7.28
CA GLU B 236 -27.86 16.31 7.15
C GLU B 236 -26.78 16.83 8.09
N ALA B 237 -26.77 16.37 9.34
CA ALA B 237 -25.76 16.83 10.32
C ALA B 237 -24.37 16.40 9.90
N ALA B 238 -24.25 15.21 9.35
CA ALA B 238 -22.97 14.71 8.84
C ALA B 238 -22.54 15.50 7.59
N ARG B 239 -23.50 15.88 6.74
CA ARG B 239 -23.19 16.70 5.56
C ARG B 239 -22.78 18.13 5.90
N ARG B 240 -23.09 18.59 7.10
CA ARG B 240 -22.57 19.88 7.57
C ARG B 240 -21.06 19.85 7.77
N ARG B 241 -20.53 18.66 8.05
CA ARG B 241 -19.08 18.46 8.27
C ARG B 241 -18.34 18.04 7.02
N LEU B 242 -18.98 17.17 6.24
CA LEU B 242 -18.43 16.72 4.95
C LEU B 242 -19.05 17.57 3.84
N VAL B 243 -18.45 18.72 3.62
CA VAL B 243 -19.12 19.78 2.88
C VAL B 243 -18.99 19.68 1.37
N LYS B 244 -18.05 18.88 0.87
CA LYS B 244 -18.00 18.55 -0.55
C LYS B 244 -18.10 17.04 -0.66
N ARG B 245 -18.97 16.57 -1.54
CA ARG B 245 -19.17 15.14 -1.71
C ARG B 245 -19.08 14.80 -3.19
N LEU B 246 -18.27 13.80 -3.51
CA LEU B 246 -17.98 13.48 -4.88
C LEU B 246 -18.31 12.03 -5.15
N TYR B 247 -19.02 11.80 -6.25
CA TYR B 247 -19.39 10.46 -6.68
C TYR B 247 -18.24 9.89 -7.50
N ILE B 248 -17.71 8.75 -7.05
CA ILE B 248 -16.60 8.07 -7.74
C ILE B 248 -17.21 6.79 -8.31
N PRO B 249 -17.58 6.80 -9.58
CA PRO B 249 -18.37 5.71 -10.15
C PRO B 249 -17.53 4.62 -10.73
N LEU B 250 -18.19 3.58 -11.22
CA LEU B 250 -17.50 2.55 -11.98
C LEU B 250 -16.84 3.19 -13.19
N PRO B 251 -15.69 2.67 -13.59
CA PRO B 251 -14.98 3.26 -14.71
C PRO B 251 -15.73 3.14 -16.06
N GLU B 252 -15.77 4.22 -16.83
CA GLU B 252 -16.26 4.18 -18.20
C GLU B 252 -15.27 3.43 -19.08
N ALA B 253 -15.71 3.06 -20.29
CA ALA B 253 -14.88 2.30 -21.24
C ALA B 253 -13.48 2.88 -21.38
N SER B 254 -13.38 4.21 -21.47
CA SER B 254 -12.08 4.88 -21.65
C SER B 254 -11.16 4.65 -20.46
N ALA B 255 -11.76 4.63 -19.27
CA ALA B 255 -11.03 4.40 -18.03
C ALA B 255 -10.61 2.93 -17.89
N ARG B 256 -11.49 1.99 -18.24
CA ARG B 256 -11.12 0.57 -18.25
C ARG B 256 -9.95 0.33 -19.21
N LYS B 257 -9.97 0.98 -20.38
CA LYS B 257 -8.87 0.86 -21.33
C LYS B 257 -7.56 1.40 -20.76
N GLN B 258 -7.66 2.58 -20.14
CA GLN B 258 -6.57 3.25 -19.41
C GLN B 258 -5.86 2.26 -18.45
N ILE B 259 -6.66 1.54 -17.67
CA ILE B 259 -6.15 0.61 -16.65
C ILE B 259 -5.42 -0.57 -17.26
N VAL B 260 -6.02 -1.17 -18.29
CA VAL B 260 -5.36 -2.28 -18.99
C VAL B 260 -4.01 -1.83 -19.58
N ILE B 261 -4.02 -0.69 -20.26
CA ILE B 261 -2.78 -0.18 -20.91
C ILE B 261 -1.70 0.10 -19.84
N ASN B 262 -2.10 0.75 -18.77
CA ASN B 262 -1.17 1.10 -17.67
C ASN B 262 -0.57 -0.11 -16.99
N LEU B 263 -1.39 -1.11 -16.72
CA LEU B 263 -0.88 -2.29 -16.03
C LEU B 263 -0.10 -3.20 -16.98
N MET B 264 -0.55 -3.29 -18.23
CA MET B 264 0.15 -4.11 -19.22
C MET B 264 1.48 -3.49 -19.67
N SER B 265 1.65 -2.19 -19.50
CA SER B 265 2.90 -1.53 -19.87
C SER B 265 4.02 -1.96 -18.92
N LYS B 266 3.65 -2.47 -17.75
CA LYS B 266 4.59 -2.96 -16.76
C LYS B 266 4.92 -4.46 -17.00
N GLU B 267 4.29 -5.09 -17.99
CA GLU B 267 4.44 -6.54 -18.29
C GLU B 267 4.98 -6.81 -19.68
N GLN B 268 5.31 -8.06 -19.95
CA GLN B 268 5.52 -8.55 -21.32
C GLN B 268 4.14 -8.97 -21.86
N CYS B 269 3.62 -8.21 -22.83
CA CYS B 269 2.26 -8.35 -23.30
C CYS B 269 2.17 -8.16 -24.80
N CYS B 270 1.45 -9.05 -25.48
CA CYS B 270 1.38 -9.05 -26.94
C CYS B 270 -0.02 -8.79 -27.53
N LEU B 271 -0.85 -8.00 -26.86
CA LEU B 271 -2.23 -7.73 -27.30
C LEU B 271 -2.29 -6.74 -28.45
N SER B 272 -3.22 -6.97 -29.37
CA SER B 272 -3.49 -6.02 -30.46
C SER B 272 -4.50 -4.98 -30.00
N GLU B 273 -4.65 -3.90 -30.77
CA GLU B 273 -5.64 -2.87 -30.43
C GLU B 273 -7.05 -3.44 -30.46
N GLU B 274 -7.32 -4.34 -31.40
CA GLU B 274 -8.61 -5.01 -31.48
C GLU B 274 -8.89 -5.82 -30.20
N GLU B 275 -7.91 -6.61 -29.80
CA GLU B 275 -8.00 -7.36 -28.56
C GLU B 275 -8.19 -6.44 -27.34
N ILE B 276 -7.52 -5.30 -27.29
CA ILE B 276 -7.73 -4.34 -26.19
C ILE B 276 -9.18 -3.88 -26.18
N GLU B 277 -9.73 -3.50 -27.34
CA GLU B 277 -11.13 -3.07 -27.40
C GLU B 277 -12.09 -4.19 -26.96
N GLN B 278 -11.82 -5.42 -27.36
CA GLN B 278 -12.61 -6.56 -26.89
C GLN B 278 -12.59 -6.70 -25.36
N ILE B 279 -11.42 -6.55 -24.77
CA ILE B 279 -11.27 -6.63 -23.30
C ILE B 279 -12.11 -5.52 -22.66
N VAL B 280 -12.09 -4.32 -23.25
CA VAL B 280 -12.84 -3.19 -22.74
C VAL B 280 -14.33 -3.44 -22.85
N GLN B 281 -14.78 -3.97 -23.98
CA GLN B 281 -16.18 -4.24 -24.20
C GLN B 281 -16.67 -5.32 -23.21
N GLN B 282 -15.86 -6.36 -22.99
CA GLN B 282 -16.25 -7.48 -22.10
C GLN B 282 -16.23 -7.16 -20.59
N SER B 283 -15.66 -6.01 -20.23
CA SER B 283 -15.53 -5.61 -18.83
C SER B 283 -16.53 -4.51 -18.41
N ASP B 284 -17.66 -4.39 -19.12
CA ASP B 284 -18.68 -3.44 -18.72
C ASP B 284 -19.13 -3.76 -17.28
N ALA B 285 -19.22 -2.72 -16.47
CA ALA B 285 -19.66 -2.81 -15.08
C ALA B 285 -18.57 -3.32 -14.11
N PHE B 286 -17.38 -3.65 -14.62
CA PHE B 286 -16.25 -3.91 -13.73
C PHE B 286 -15.82 -2.61 -13.02
N SER B 287 -15.50 -2.74 -11.74
CA SER B 287 -14.85 -1.67 -10.98
C SER B 287 -13.37 -1.56 -11.36
N GLY B 288 -12.73 -0.53 -10.85
CA GLY B 288 -11.30 -0.36 -11.02
C GLY B 288 -10.51 -1.49 -10.39
N ALA B 289 -10.96 -1.96 -9.22
CA ALA B 289 -10.34 -3.05 -8.53
C ALA B 289 -10.54 -4.36 -9.30
N ASP B 290 -11.69 -4.52 -9.94
CA ASP B 290 -11.96 -5.72 -10.79
C ASP B 290 -11.05 -5.71 -12.01
N MET B 291 -10.91 -4.54 -12.63
CA MET B 291 -10.02 -4.38 -13.78
C MET B 291 -8.58 -4.72 -13.37
N THR B 292 -8.19 -4.33 -12.17
CA THR B 292 -6.83 -4.59 -11.69
C THR B 292 -6.61 -6.09 -11.40
N GLN B 293 -7.60 -6.73 -10.79
CA GLN B 293 -7.54 -8.17 -10.61
C GLN B 293 -7.61 -8.93 -11.92
N LEU B 294 -8.40 -8.46 -12.89
CA LEU B 294 -8.37 -9.02 -14.27
C LEU B 294 -6.94 -9.05 -14.84
N CYS B 295 -6.27 -7.92 -14.77
CA CYS B 295 -4.95 -7.77 -15.32
C CYS B 295 -3.93 -8.65 -14.58
N ARG B 296 -4.08 -8.72 -13.26
CA ARG B 296 -3.17 -9.53 -12.44
C ARG B 296 -3.35 -11.02 -12.78
N GLU B 297 -4.59 -11.48 -12.82
CA GLU B 297 -4.89 -12.83 -13.26
C GLU B 297 -4.38 -13.11 -14.67
N ALA B 298 -4.57 -12.17 -15.58
CA ALA B 298 -4.04 -12.32 -16.93
C ALA B 298 -2.52 -12.46 -16.93
N SER B 299 -1.84 -11.70 -16.06
CA SER B 299 -0.37 -11.70 -15.98
CA SER B 299 -0.38 -11.71 -16.01
C SER B 299 0.20 -13.03 -15.50
N LEU B 300 -0.59 -13.79 -14.72
CA LEU B 300 -0.18 -15.10 -14.20
C LEU B 300 -0.60 -16.25 -15.13
N GLY B 301 -1.36 -15.93 -16.17
CA GLY B 301 -1.80 -16.91 -17.17
C GLY B 301 -0.68 -17.71 -17.84
N PRO B 302 0.35 -17.02 -18.37
CA PRO B 302 1.45 -17.74 -19.01
C PRO B 302 2.06 -18.84 -18.14
N ILE B 303 2.45 -18.52 -16.90
CA ILE B 303 3.04 -19.50 -16.01
C ILE B 303 2.03 -20.59 -15.64
N ARG B 304 0.79 -20.22 -15.35
CA ARG B 304 -0.24 -21.20 -15.02
C ARG B 304 -0.66 -22.04 -16.22
N SER B 305 -0.24 -21.68 -17.43
CA SER B 305 -0.53 -22.47 -18.65
C SER B 305 0.60 -23.39 -19.15
N LEU B 306 1.78 -23.31 -18.53
CA LEU B 306 2.90 -24.20 -18.89
C LEU B 306 2.62 -25.62 -18.37
N GLN B 307 2.88 -26.65 -19.16
CA GLN B 307 2.81 -27.99 -18.57
C GLN B 307 4.20 -28.41 -18.18
N THR B 308 4.27 -29.25 -17.15
CA THR B 308 5.51 -29.86 -16.66
C THR B 308 6.47 -30.19 -17.82
N ALA B 309 7.66 -29.62 -17.77
CA ALA B 309 8.58 -29.63 -18.92
C ALA B 309 8.23 -28.47 -19.87
N ALA B 312 9.95 -28.49 -16.23
CA ALA B 312 10.85 -27.46 -15.73
C ALA B 312 12.17 -27.50 -16.45
N THR B 313 12.18 -26.90 -17.62
CA THR B 313 13.39 -26.34 -18.20
C THR B 313 13.27 -24.82 -18.12
N ILE B 314 12.08 -24.31 -18.43
CA ILE B 314 11.88 -22.90 -18.78
C ILE B 314 12.16 -22.00 -17.57
N THR B 315 12.98 -20.98 -17.82
CA THR B 315 13.28 -19.96 -16.80
C THR B 315 12.43 -18.72 -17.09
N PRO B 316 12.23 -17.84 -16.09
CA PRO B 316 11.30 -16.71 -16.21
C PRO B 316 11.40 -15.91 -17.52
N ASP B 317 12.61 -15.53 -17.93
CA ASP B 317 12.82 -14.71 -19.14
C ASP B 317 12.36 -15.39 -20.43
N GLN B 318 12.14 -16.70 -20.37
CA GLN B 318 11.75 -17.46 -21.55
C GLN B 318 10.23 -17.62 -21.72
N VAL B 319 9.46 -17.23 -20.72
CA VAL B 319 8.03 -17.47 -20.73
C VAL B 319 7.38 -16.53 -21.75
N ARG B 320 6.35 -17.03 -22.41
CA ARG B 320 5.66 -16.24 -23.43
C ARG B 320 5.00 -15.00 -22.86
N PRO B 321 4.78 -13.98 -23.70
CA PRO B 321 4.07 -12.79 -23.24
C PRO B 321 2.60 -13.06 -22.94
N ILE B 322 1.99 -12.15 -22.21
CA ILE B 322 0.58 -12.18 -21.93
C ILE B 322 -0.15 -11.97 -23.25
N ALA B 323 -1.22 -12.74 -23.47
CA ALA B 323 -1.99 -12.73 -24.71
C ALA B 323 -3.48 -12.68 -24.41
N TYR B 324 -4.27 -12.47 -25.45
CA TYR B 324 -5.73 -12.36 -25.31
C TYR B 324 -6.32 -13.55 -24.54
N ILE B 325 -5.81 -14.75 -24.79
CA ILE B 325 -6.32 -15.95 -24.09
C ILE B 325 -6.15 -15.85 -22.58
N ASP B 326 -5.12 -15.14 -22.14
CA ASP B 326 -4.87 -14.96 -20.72
C ASP B 326 -5.97 -14.08 -20.16
N PHE B 327 -6.44 -13.12 -20.94
CA PHE B 327 -7.56 -12.28 -20.50
C PHE B 327 -8.88 -13.03 -20.53
N GLU B 328 -9.11 -13.86 -21.53
CA GLU B 328 -10.37 -14.61 -21.60
C GLU B 328 -10.50 -15.55 -20.41
N ASN B 329 -9.39 -16.19 -20.05
CA ASN B 329 -9.28 -17.02 -18.85
C ASN B 329 -9.47 -16.22 -17.55
N ALA B 330 -8.81 -15.09 -17.48
CA ALA B 330 -8.97 -14.14 -16.35
C ALA B 330 -10.41 -13.66 -16.15
N PHE B 331 -11.11 -13.40 -17.25
CA PHE B 331 -12.53 -13.03 -17.17
C PHE B 331 -13.32 -14.09 -16.42
N ARG B 332 -13.01 -15.35 -16.64
CA ARG B 332 -13.74 -16.42 -15.96
C ARG B 332 -13.48 -16.46 -14.44
N THR B 333 -12.37 -15.88 -14.00
CA THR B 333 -12.07 -15.78 -12.56
C THR B 333 -12.72 -14.59 -11.89
N VAL B 334 -12.67 -13.44 -12.56
CA VAL B 334 -13.11 -12.17 -12.01
C VAL B 334 -14.61 -11.95 -12.15
N ARG B 335 -15.15 -12.24 -13.32
CA ARG B 335 -16.58 -12.00 -13.54
C ARG B 335 -17.52 -12.58 -12.45
N PRO B 336 -17.27 -13.82 -11.92
CA PRO B 336 -18.09 -14.33 -10.80
C PRO B 336 -18.05 -13.50 -9.53
N SER B 337 -17.09 -12.62 -9.38
CA SER B 337 -17.04 -11.75 -8.23
C SER B 337 -17.52 -10.33 -8.56
N VAL B 338 -17.99 -10.10 -9.77
CA VAL B 338 -18.49 -8.80 -10.15
C VAL B 338 -19.99 -8.58 -9.86
N SER B 339 -20.31 -7.64 -8.97
CA SER B 339 -21.67 -7.37 -8.48
C SER B 339 -22.51 -6.58 -9.44
N PRO B 340 -23.76 -6.98 -9.62
CA PRO B 340 -24.58 -6.42 -10.69
C PRO B 340 -25.47 -5.18 -10.57
N LYS B 341 -25.39 -4.19 -9.66
CA LYS B 341 -26.52 -3.18 -9.76
C LYS B 341 -26.60 -1.71 -9.30
N ASP B 342 -27.08 -1.45 -8.07
CA ASP B 342 -27.63 -0.16 -7.64
C ASP B 342 -26.90 1.16 -7.78
N LEU B 343 -26.62 1.46 -9.02
CA LEU B 343 -26.14 2.71 -9.44
C LEU B 343 -27.22 3.79 -9.31
N GLU B 344 -28.47 3.39 -9.21
CA GLU B 344 -29.57 4.32 -9.04
C GLU B 344 -29.40 5.10 -7.79
N LEU B 345 -29.24 4.40 -6.70
CA LEU B 345 -29.06 5.02 -5.39
C LEU B 345 -27.94 6.07 -5.40
N TYR B 346 -26.80 5.71 -5.98
CA TYR B 346 -25.68 6.63 -6.04
C TYR B 346 -25.97 7.84 -6.90
N GLU B 347 -26.56 7.64 -8.09
CA GLU B 347 -26.87 8.75 -8.98
C GLU B 347 -27.89 9.70 -8.37
N ASN B 348 -28.92 9.13 -7.71
CA ASN B 348 -29.95 9.93 -7.01
C ASN B 348 -29.27 10.86 -5.99
N TRP B 349 -28.44 10.29 -5.13
CA TRP B 349 -27.75 11.03 -4.06
C TRP B 349 -26.83 12.08 -4.64
N ASN B 350 -26.09 11.71 -5.69
CA ASN B 350 -25.19 12.63 -6.36
C ASN B 350 -25.93 13.85 -6.91
N LYS B 351 -27.05 13.63 -7.59
CA LYS B 351 -27.87 14.78 -8.08
C LYS B 351 -28.34 15.66 -6.93
N THR B 352 -28.63 15.04 -5.79
CA THR B 352 -29.18 15.78 -4.65
C THR B 352 -28.10 16.56 -3.88
N PHE B 353 -27.00 15.89 -3.53
CA PHE B 353 -26.01 16.42 -2.61
C PHE B 353 -24.57 16.46 -3.16
N GLY B 354 -24.32 15.91 -4.35
CA GLY B 354 -22.97 15.78 -4.92
C GLY B 354 -22.48 16.99 -5.70
N CYS B 355 -21.19 17.00 -6.02
CA CYS B 355 -20.62 18.08 -6.84
C CYS B 355 -21.09 18.00 -8.29
PB ADP C . 11.53 -0.93 4.23
O1B ADP C . 12.83 -1.44 3.63
O2B ADP C . 11.74 -0.03 5.37
O3B ADP C . 10.42 -1.95 4.45
PA ADP C . 9.67 0.16 2.25
O1A ADP C . 9.53 -0.93 1.25
O2A ADP C . 8.69 0.42 3.33
O3A ADP C . 11.08 0.02 3.01
O5' ADP C . 9.99 1.53 1.44
C5' ADP C . 9.22 2.72 1.61
C4' ADP C . 8.99 3.34 0.25
O4' ADP C . 10.28 3.76 -0.25
C3' ADP C . 8.43 2.37 -0.79
O3' ADP C . 7.01 2.24 -0.78
C2' ADP C . 8.96 2.98 -2.05
O2' ADP C . 8.14 4.09 -2.46
C1' ADP C . 10.33 3.53 -1.65
N9 ADP C . 11.35 2.51 -1.92
C8 ADP C . 12.08 1.87 -0.97
N7 ADP C . 12.91 0.99 -1.56
C5 ADP C . 12.74 1.07 -2.88
C6 ADP C . 13.35 0.42 -4.03
N6 ADP C . 14.32 -0.52 -3.83
N1 ADP C . 12.93 0.77 -5.25
C2 ADP C . 11.97 1.70 -5.43
N3 ADP C . 11.38 2.36 -4.40
C4 ADP C . 11.73 2.11 -3.13
PB ADP D . -12.36 1.98 -3.02
O1B ADP D . -13.15 2.83 -3.98
O2B ADP D . -13.09 0.69 -2.71
O3B ADP D . -11.72 2.67 -1.84
PA ADP D . -9.59 1.49 -3.83
O1A ADP D . -9.07 2.87 -4.14
O2A ADP D . -9.27 0.80 -2.58
O3A ADP D . -11.19 1.44 -4.02
O5' ADP D . -9.20 0.58 -5.10
C5' ADP D . -8.64 -0.71 -4.94
C4' ADP D . -7.56 -0.89 -6.01
O4' ADP D . -8.21 -1.01 -7.30
C3' ADP D . -6.61 0.31 -6.14
O3' ADP D . -5.51 0.31 -5.22
C2' ADP D . -6.21 0.20 -7.59
O2' ADP D . -5.20 -0.80 -7.75
C1' ADP D . -7.50 -0.25 -8.29
N9 ADP D . -8.32 0.91 -8.74
C8 ADP D . -9.52 1.28 -8.23
N7 ADP D . -10.00 2.37 -8.88
C5 ADP D . -9.09 2.73 -9.79
C6 ADP D . -8.98 3.77 -10.80
N6 ADP D . -9.96 4.69 -10.92
N1 ADP D . -7.90 3.82 -11.60
C2 ADP D . -6.93 2.89 -11.50
N3 ADP D . -6.99 1.91 -10.58
C4 ADP D . -8.00 1.77 -9.72
#